data_7HKZ
#
_entry.id   7HKZ
#
_cell.length_a   82.260
_cell.length_b   116.109
_cell.length_c   148.109
_cell.angle_alpha   90.00
_cell.angle_beta   90.00
_cell.angle_gamma   90.00
#
_symmetry.space_group_name_H-M   'I 2 2 2'
#
loop_
_entity.id
_entity.type
_entity.pdbx_description
1 polymer 'Genome polyprotein'
2 non-polymer 'ZINC ION'
3 non-polymer '2-(N-MORPHOLINO)-ETHANESULFONIC ACID'
4 non-polymer 'DIMETHYL SULFOXIDE'
5 non-polymer 'PHOSPHATE ION'
6 non-polymer DI(HYDROXYETHYL)ETHER
7 non-polymer [(2S,6R)-1-(methanesulfonyl)-6-methylpiperidin-2-yl]methanol
8 water water
#
_entity_poly.entity_id   1
_entity_poly.type   'polypeptide(L)'
_entity_poly.pdbx_seq_one_letter_code
;GPGIESETPNLDIIGKRIEKIKQEHETSWHYDQDHPYKTWAYHGSYETKQTGSASSMVNGVVRLLTKPWDIIPMVTQMAM
TDTTPFGQQRVFKEKVDTRTQEPKEGTKKLMKITAEWLWKELGKKKTPRMCTREEFTRKVRSNAALGAIFTDENKWKSAR
EAVEDSGFWELVDKERNLHLEGKCETCVYNMMGKREKKLGEFGKAKGSRAIWYMWLGARFLEFEALGFLNEDHWFSRENS
LSGVEGEGLHKLGYILRDVSKKEGGAMYADDTAGWDTRITLEDLKNEEMVTNHMEGEHKKLAEAIFKLTYQNKVVRVQRP
TPRGTVMDIISRRDQRGSGQVVTYGLNTFTNMEAQLIRQMEGEGVFKSIQHLTVTEEIAVKNWLVRVGRERLSRMAISGD
DCVVKPLDDRFASALTALNDMGKVRKDIQQWEPSRGWNDWTQVPFCSHHFHELIMKDGRVLVVPCRNQDELIGRARISQG
AGWSLRETACLGKSYAQMWSLMYFHRRDLRLAANAICSAVPSHWVPTSRTTWSIHATHEWMTTEDMLTVWNRVWIQENPW
MEDKTPVESWEEIPYLGKREDQWCGSLIGLTSRATWAKNIQTAINQVRSLIGNEEYTDYMPSMKRFRREEEEAGVLW
;
_entity_poly.pdbx_strand_id   A
#
loop_
_chem_comp.id
_chem_comp.type
_chem_comp.name
_chem_comp.formula
A1BDG non-polymer [(2S,6R)-1-(methanesulfonyl)-6-methylpiperidin-2-yl]methanol 'C8 H17 N O3 S'
DMS non-polymer 'DIMETHYL SULFOXIDE' 'C2 H6 O S'
MES non-polymer '2-(N-MORPHOLINO)-ETHANESULFONIC ACID' 'C6 H13 N O4 S'
PEG non-polymer DI(HYDROXYETHYL)ETHER 'C4 H10 O3'
PO4 non-polymer 'PHOSPHATE ION' 'O4 P -3'
ZN non-polymer 'ZINC ION' 'Zn 2'
#
# COMPACT_ATOMS: atom_id res chain seq x y z
N ASN A 10 -1.63 27.92 14.66
CA ASN A 10 -3.07 28.02 14.29
C ASN A 10 -3.19 29.00 13.10
N LEU A 11 -4.04 30.04 13.21
CA LEU A 11 -4.82 30.61 12.08
C LEU A 11 -3.95 31.46 11.13
N ASP A 12 -2.74 31.86 11.53
CA ASP A 12 -1.85 32.64 10.65
C ASP A 12 -1.37 31.75 9.49
N ILE A 13 -1.26 30.42 9.70
CA ILE A 13 -0.75 29.44 8.69
C ILE A 13 -1.89 28.93 7.80
N ILE A 14 -3.10 28.78 8.34
CA ILE A 14 -4.26 28.20 7.60
C ILE A 14 -5.24 29.29 7.14
N GLY A 15 -5.20 30.49 7.73
CA GLY A 15 -6.16 31.58 7.50
C GLY A 15 -6.33 31.95 6.03
N LYS A 16 -5.20 32.07 5.31
CA LYS A 16 -5.12 32.45 3.87
C LYS A 16 -5.90 31.44 3.03
N ARG A 17 -5.66 30.13 3.23
CA ARG A 17 -6.40 29.04 2.56
C ARG A 17 -7.89 29.18 2.89
N ILE A 18 -8.20 29.47 4.16
CA ILE A 18 -9.60 29.57 4.67
C ILE A 18 -10.23 30.80 4.02
N GLU A 19 -9.59 31.97 4.12
CA GLU A 19 -10.08 33.25 3.54
C GLU A 19 -10.43 33.03 2.07
N LYS A 20 -9.52 32.41 1.29
CA LYS A 20 -9.66 32.25 -0.18
C LYS A 20 -10.92 31.43 -0.52
N ILE A 21 -11.20 30.38 0.26
CA ILE A 21 -12.39 29.49 0.02
C ILE A 21 -13.66 30.27 0.42
N LYS A 22 -13.63 30.95 1.56
CA LYS A 22 -14.70 31.88 2.04
C LYS A 22 -15.27 32.65 0.84
N GLN A 23 -14.40 33.22 0.01
CA GLN A 23 -14.74 34.24 -1.02
C GLN A 23 -15.20 33.62 -2.34
N GLU A 24 -14.88 32.36 -2.63
CA GLU A 24 -15.38 31.65 -3.85
C GLU A 24 -16.80 31.13 -3.60
N HIS A 25 -17.25 31.18 -2.34
CA HIS A 25 -18.61 30.75 -1.92
C HIS A 25 -19.17 31.79 -0.93
N GLU A 26 -18.96 33.09 -1.24
CA GLU A 26 -19.35 34.27 -0.41
C GLU A 26 -20.87 34.36 -0.29
N THR A 27 -21.61 33.85 -1.29
CA THR A 27 -23.09 33.81 -1.32
C THR A 27 -23.62 32.73 -0.37
N SER A 28 -22.80 31.73 0.00
CA SER A 28 -23.23 30.48 0.71
C SER A 28 -22.64 30.36 2.13
N TRP A 29 -21.73 31.24 2.56
CA TRP A 29 -20.92 31.05 3.81
C TRP A 29 -21.83 31.17 5.03
N HIS A 30 -21.65 30.30 6.04
CA HIS A 30 -22.43 30.29 7.30
C HIS A 30 -21.73 29.48 8.39
N TYR A 31 -21.38 30.12 9.51
CA TYR A 31 -20.85 29.47 10.74
C TYR A 31 -21.99 28.69 11.42
N ASP A 32 -22.23 27.47 10.93
CA ASP A 32 -23.20 26.48 11.50
C ASP A 32 -22.86 26.26 12.98
N GLN A 33 -23.89 26.00 13.80
CA GLN A 33 -23.78 25.77 15.26
C GLN A 33 -24.15 24.31 15.61
N ASP A 34 -24.73 23.57 14.66
CA ASP A 34 -25.08 22.13 14.79
C ASP A 34 -24.05 21.28 14.02
N HIS A 35 -22.77 21.68 14.01
CA HIS A 35 -21.65 20.99 13.31
C HIS A 35 -21.22 19.76 14.14
N PRO A 36 -20.99 18.60 13.50
CA PRO A 36 -20.66 17.36 14.21
C PRO A 36 -19.21 17.11 14.66
N TYR A 37 -18.33 18.11 14.56
CA TYR A 37 -16.86 17.96 14.81
C TYR A 37 -16.58 18.22 16.30
N LYS A 38 -15.83 17.32 16.92
CA LYS A 38 -15.29 17.52 18.30
C LYS A 38 -13.76 17.71 18.27
N THR A 39 -13.02 16.91 17.51
CA THR A 39 -11.52 16.92 17.55
C THR A 39 -10.94 17.71 16.37
N TRP A 40 -11.72 17.96 15.32
CA TRP A 40 -11.40 18.87 14.19
C TRP A 40 -11.84 20.29 14.56
N ALA A 41 -11.00 21.29 14.32
CA ALA A 41 -11.39 22.73 14.29
C ALA A 41 -12.32 22.94 13.08
N TYR A 42 -13.49 23.50 13.34
CA TYR A 42 -14.52 23.85 12.33
C TYR A 42 -14.38 25.33 11.97
N HIS A 43 -14.71 25.66 10.72
CA HIS A 43 -14.52 27.07 10.26
C HIS A 43 -15.80 27.59 9.59
N GLY A 44 -16.43 26.82 8.71
CA GLY A 44 -17.65 27.28 8.02
C GLY A 44 -18.19 26.26 7.03
N SER A 45 -19.31 26.59 6.37
CA SER A 45 -20.02 25.70 5.42
C SER A 45 -20.34 26.48 4.14
N TYR A 46 -20.71 25.77 3.07
CA TYR A 46 -21.10 26.32 1.72
C TYR A 46 -21.81 25.24 0.88
N GLU A 47 -22.53 25.68 -0.15
CA GLU A 47 -23.48 24.88 -0.98
C GLU A 47 -22.72 23.98 -1.97
N THR A 48 -23.07 22.69 -2.03
CA THR A 48 -22.59 21.70 -3.04
C THR A 48 -23.67 20.62 -3.23
N LYS A 49 -23.46 19.68 -4.17
CA LYS A 49 -24.38 18.54 -4.43
C LYS A 49 -23.72 17.56 -5.41
N GLN A 50 -23.25 16.41 -4.92
CA GLN A 50 -22.67 15.31 -5.74
C GLN A 50 -22.51 14.05 -4.88
N THR A 51 -22.10 12.93 -5.49
CA THR A 51 -22.08 11.55 -4.91
C THR A 51 -22.26 11.61 -3.39
N ALA A 54 -19.28 6.78 -6.71
CA ALA A 54 -18.53 5.83 -7.57
C ALA A 54 -18.46 4.45 -6.91
N SER A 55 -19.45 3.60 -7.18
CA SER A 55 -19.59 2.21 -6.64
C SER A 55 -18.82 1.22 -7.52
N SER A 56 -18.68 -0.02 -7.03
CA SER A 56 -17.88 -1.11 -7.66
C SER A 56 -18.73 -1.87 -8.69
N MET A 57 -18.25 -1.95 -9.93
CA MET A 57 -18.97 -2.56 -11.08
C MET A 57 -18.46 -4.01 -11.30
N VAL A 58 -19.25 -4.92 -11.83
CA VAL A 58 -18.78 -6.31 -12.07
C VAL A 58 -18.05 -6.44 -13.42
N ASN A 59 -16.89 -7.12 -13.45
CA ASN A 59 -16.18 -7.52 -14.68
C ASN A 59 -16.83 -8.79 -15.27
N GLY A 60 -17.58 -8.65 -16.37
CA GLY A 60 -18.38 -9.74 -16.93
C GLY A 60 -17.52 -10.81 -17.59
N VAL A 61 -16.33 -10.46 -18.05
CA VAL A 61 -15.42 -11.48 -18.64
C VAL A 61 -15.01 -12.44 -17.51
N VAL A 62 -14.55 -11.91 -16.38
CA VAL A 62 -14.06 -12.77 -15.25
C VAL A 62 -15.25 -13.54 -14.67
N ARG A 63 -16.42 -12.89 -14.50
CA ARG A 63 -17.57 -13.58 -13.88
C ARG A 63 -18.02 -14.74 -14.77
N LEU A 64 -18.13 -14.55 -16.08
CA LEU A 64 -18.60 -15.64 -16.98
C LEU A 64 -17.64 -16.84 -16.94
N LEU A 65 -16.37 -16.62 -16.62
CA LEU A 65 -15.38 -17.73 -16.61
C LEU A 65 -15.13 -18.25 -15.19
N THR A 66 -15.91 -17.81 -14.20
CA THR A 66 -15.82 -18.29 -12.80
C THR A 66 -17.26 -18.60 -12.31
N LYS A 67 -18.02 -19.36 -13.07
CA LYS A 67 -19.45 -19.62 -12.75
C LYS A 67 -19.64 -20.28 -11.38
N PRO A 68 -18.85 -21.27 -10.93
CA PRO A 68 -19.10 -21.95 -9.65
C PRO A 68 -19.17 -20.94 -8.49
N TRP A 69 -18.49 -19.80 -8.63
CA TRP A 69 -18.39 -18.77 -7.56
C TRP A 69 -19.63 -17.89 -7.55
N ASP A 70 -20.55 -18.04 -8.52
CA ASP A 70 -21.79 -17.21 -8.55
C ASP A 70 -22.72 -17.52 -7.35
N ILE A 71 -22.51 -18.63 -6.67
CA ILE A 71 -23.36 -19.10 -5.53
C ILE A 71 -22.56 -19.08 -4.23
N ILE A 72 -21.36 -18.48 -4.21
CA ILE A 72 -20.50 -18.37 -3.00
C ILE A 72 -20.62 -16.95 -2.46
N PRO A 73 -21.38 -16.75 -1.35
CA PRO A 73 -21.60 -15.42 -0.79
C PRO A 73 -20.34 -14.62 -0.48
N MET A 74 -19.26 -15.26 -0.02
CA MET A 74 -18.02 -14.51 0.25
C MET A 74 -17.48 -13.86 -1.03
N VAL A 75 -17.73 -14.43 -2.20
CA VAL A 75 -17.37 -13.79 -3.52
C VAL A 75 -18.42 -12.77 -3.91
N THR A 76 -19.69 -13.15 -3.96
CA THR A 76 -20.76 -12.33 -4.55
C THR A 76 -21.00 -11.08 -3.72
N GLN A 77 -20.83 -11.13 -2.39
CA GLN A 77 -21.13 -9.97 -1.50
C GLN A 77 -20.06 -8.91 -1.65
N MET A 78 -18.85 -9.27 -2.08
CA MET A 78 -17.72 -8.31 -2.25
C MET A 78 -18.09 -7.24 -3.28
N ALA A 79 -18.97 -7.54 -4.25
CA ALA A 79 -19.29 -6.60 -5.35
C ALA A 79 -20.47 -5.67 -4.97
N MET A 80 -21.15 -5.88 -3.84
CA MET A 80 -22.35 -5.09 -3.45
C MET A 80 -21.96 -3.79 -2.74
N THR A 81 -22.87 -2.79 -2.72
CA THR A 81 -22.90 -1.69 -1.73
C THR A 81 -22.25 -0.42 -2.23
N PHE A 92 -13.75 3.69 9.72
CA PHE A 92 -14.82 4.43 10.45
C PHE A 92 -14.47 5.92 10.44
N LYS A 93 -15.41 6.79 10.02
CA LYS A 93 -15.24 8.27 10.00
C LYS A 93 -15.47 8.82 11.42
N GLU A 94 -15.81 7.94 12.37
CA GLU A 94 -15.86 8.19 13.84
C GLU A 94 -14.54 7.75 14.48
N LYS A 95 -13.54 7.43 13.66
CA LYS A 95 -12.12 7.19 14.05
C LYS A 95 -11.24 8.36 13.57
N VAL A 96 -11.56 8.98 12.43
CA VAL A 96 -10.87 10.23 11.98
C VAL A 96 -11.14 11.32 13.03
N ASP A 97 -12.33 11.33 13.65
CA ASP A 97 -12.75 12.32 14.68
C ASP A 97 -12.46 11.75 16.08
N THR A 98 -11.25 11.20 16.32
CA THR A 98 -10.69 10.86 17.67
C THR A 98 -9.44 11.71 17.89
N ARG A 99 -8.87 11.68 19.10
CA ARG A 99 -7.69 12.51 19.51
C ARG A 99 -6.69 11.65 20.29
N THR A 100 -5.42 11.66 19.88
CA THR A 100 -4.30 10.94 20.53
C THR A 100 -3.67 11.82 21.59
N GLN A 101 -3.28 11.25 22.73
CA GLN A 101 -2.64 12.00 23.86
C GLN A 101 -1.16 12.24 23.53
N GLU A 102 -0.58 13.29 24.12
CA GLU A 102 0.87 13.63 24.01
C GLU A 102 1.68 12.54 24.71
N PRO A 103 2.69 11.94 24.04
CA PRO A 103 3.54 10.97 24.71
C PRO A 103 4.25 11.64 25.89
N LYS A 104 4.71 10.84 26.86
CA LYS A 104 5.55 11.25 28.01
C LYS A 104 6.95 11.66 27.51
N GLU A 105 7.71 12.37 28.35
CA GLU A 105 9.01 12.98 27.97
C GLU A 105 10.01 11.88 27.62
N GLY A 106 10.00 10.76 28.33
CA GLY A 106 10.86 9.60 28.04
C GLY A 106 10.55 9.01 26.65
N THR A 107 9.28 8.87 26.30
CA THR A 107 8.84 8.37 24.96
C THR A 107 9.35 9.32 23.87
N LYS A 108 9.03 10.61 23.97
CA LYS A 108 9.51 11.70 23.06
C LYS A 108 11.03 11.65 22.88
N LYS A 109 11.80 11.45 23.95
CA LYS A 109 13.27 11.31 23.89
C LYS A 109 13.65 10.08 23.03
N LEU A 110 13.06 8.91 23.33
CA LEU A 110 13.35 7.62 22.64
C LEU A 110 13.13 7.81 21.13
N MET A 111 12.00 8.42 20.78
CA MET A 111 11.58 8.66 19.38
C MET A 111 12.57 9.61 18.67
N LYS A 112 12.95 10.72 19.30
CA LYS A 112 13.82 11.76 18.67
C LYS A 112 15.20 11.15 18.44
N ILE A 113 15.75 10.44 19.42
CA ILE A 113 17.07 9.75 19.28
C ILE A 113 17.00 8.70 18.17
N THR A 114 15.92 7.91 18.15
CA THR A 114 15.77 6.81 17.15
C THR A 114 15.57 7.40 15.75
N ALA A 115 14.73 8.43 15.62
CA ALA A 115 14.45 9.10 14.32
C ALA A 115 15.74 9.71 13.76
N GLU A 116 16.51 10.39 14.61
CA GLU A 116 17.80 11.03 14.22
C GLU A 116 18.73 9.95 13.64
N TRP A 117 18.89 8.84 14.35
CA TRP A 117 19.78 7.76 13.93
C TRP A 117 19.25 7.11 12.62
N LEU A 118 17.93 7.00 12.47
CA LEU A 118 17.34 6.22 11.33
C LEU A 118 17.51 7.01 10.03
N TRP A 119 17.23 8.32 10.02
CA TRP A 119 17.44 9.19 8.83
C TRP A 119 18.92 9.16 8.41
N LYS A 120 19.86 9.19 9.36
CA LYS A 120 21.30 9.06 9.01
C LYS A 120 21.53 7.71 8.36
N GLU A 121 21.01 6.60 8.89
CA GLU A 121 21.27 5.28 8.28
C GLU A 121 20.71 5.27 6.85
N LEU A 122 19.49 5.78 6.68
CA LEU A 122 18.77 5.69 5.38
C LEU A 122 19.54 6.57 4.36
N GLY A 123 20.12 7.67 4.82
CA GLY A 123 20.87 8.67 4.02
C GLY A 123 22.32 8.28 3.74
N LYS A 124 22.88 7.24 4.36
CA LYS A 124 24.31 6.88 4.14
C LYS A 124 24.64 6.64 2.65
N LYS A 125 23.76 5.96 1.92
CA LYS A 125 23.96 5.56 0.50
C LYS A 125 22.97 6.27 -0.44
N LYS A 126 22.19 7.23 0.05
CA LYS A 126 21.14 7.93 -0.76
C LYS A 126 21.28 9.44 -0.59
N THR A 127 21.12 10.19 -1.70
CA THR A 127 21.22 11.68 -1.71
C THR A 127 19.84 12.26 -1.94
N PRO A 128 19.27 12.98 -0.96
CA PRO A 128 18.00 13.67 -1.17
C PRO A 128 18.15 14.61 -2.38
N ARG A 129 17.07 14.76 -3.14
CA ARG A 129 17.08 15.58 -4.37
C ARG A 129 15.63 15.92 -4.72
N MET A 130 15.43 17.01 -5.47
CA MET A 130 14.11 17.42 -5.95
C MET A 130 13.69 16.52 -7.11
N CYS A 131 12.40 16.20 -7.18
CA CYS A 131 11.79 15.54 -8.35
C CYS A 131 11.30 16.64 -9.31
N THR A 132 11.15 16.37 -10.59
CA THR A 132 11.05 17.43 -11.64
C THR A 132 9.70 17.41 -12.33
N ARG A 133 9.31 18.56 -12.88
CA ARG A 133 8.14 18.71 -13.79
C ARG A 133 8.18 17.57 -14.82
N GLU A 134 9.35 17.35 -15.41
CA GLU A 134 9.57 16.30 -16.42
C GLU A 134 9.12 14.97 -15.80
N GLU A 135 9.66 14.62 -14.63
CA GLU A 135 9.34 13.32 -13.95
C GLU A 135 7.84 13.25 -13.64
N PHE A 136 7.27 14.34 -13.11
CA PHE A 136 5.84 14.41 -12.73
C PHE A 136 4.98 14.18 -13.98
N THR A 137 5.31 14.86 -15.08
CA THR A 137 4.59 14.80 -16.38
C THR A 137 4.53 13.35 -16.90
N ARG A 138 5.66 12.64 -16.92
CA ARG A 138 5.75 11.26 -17.48
C ARG A 138 4.87 10.34 -16.63
N LYS A 139 4.85 10.54 -15.31
CA LYS A 139 4.02 9.75 -14.36
C LYS A 139 2.54 9.85 -14.76
N VAL A 140 2.05 11.08 -14.96
CA VAL A 140 0.61 11.34 -15.27
C VAL A 140 0.27 10.69 -16.62
N ARG A 141 1.24 10.67 -17.54
CA ARG A 141 1.07 10.12 -18.92
C ARG A 141 1.23 8.59 -18.92
N SER A 142 1.07 7.92 -17.77
CA SER A 142 0.88 6.45 -17.69
C SER A 142 0.23 6.03 -16.36
N ASN A 143 -0.68 6.86 -15.82
CA ASN A 143 -1.77 6.45 -14.90
C ASN A 143 -1.24 5.92 -13.56
N ALA A 144 -0.36 6.66 -12.89
CA ALA A 144 -0.08 6.51 -11.44
C ALA A 144 -1.22 7.20 -10.68
N ALA A 145 -1.73 6.58 -9.61
CA ALA A 145 -2.86 7.08 -8.80
C ALA A 145 -2.39 8.22 -7.89
N LEU A 146 -2.12 9.40 -8.47
CA LEU A 146 -1.50 10.57 -7.78
C LEU A 146 -2.60 11.46 -7.18
N GLY A 147 -3.60 10.86 -6.54
CA GLY A 147 -4.81 11.49 -5.96
C GLY A 147 -4.91 12.99 -6.25
N ALA A 148 -5.52 13.35 -7.39
CA ALA A 148 -5.79 14.75 -7.83
C ALA A 148 -7.30 15.01 -7.86
N ILE A 149 -7.74 16.15 -8.40
CA ILE A 149 -9.18 16.50 -8.64
C ILE A 149 -9.34 17.08 -10.05
N PHE A 150 -10.59 17.21 -10.52
CA PHE A 150 -10.96 17.77 -11.85
C PHE A 150 -10.60 19.26 -11.91
N ASN A 154 -12.50 23.43 -10.83
CA ASN A 154 -12.00 22.81 -12.09
C ASN A 154 -11.52 23.91 -13.04
N LYS A 155 -11.06 23.52 -14.25
CA LYS A 155 -10.37 24.41 -15.23
C LYS A 155 -9.91 23.58 -16.43
N TRP A 156 -9.34 22.39 -16.20
CA TRP A 156 -9.02 21.33 -17.19
C TRP A 156 -9.80 20.07 -16.84
N LYS A 157 -10.01 19.15 -17.80
CA LYS A 157 -10.75 17.88 -17.57
C LYS A 157 -9.94 16.98 -16.63
N SER A 158 -8.82 16.45 -17.14
CA SER A 158 -7.96 15.43 -16.48
C SER A 158 -6.63 16.06 -16.07
N ALA A 159 -5.77 15.25 -15.43
CA ALA A 159 -4.36 15.61 -15.11
C ALA A 159 -3.54 15.62 -16.41
N ARG A 160 -3.79 14.65 -17.30
CA ARG A 160 -3.13 14.52 -18.64
C ARG A 160 -3.12 15.88 -19.37
N GLU A 161 -4.17 16.70 -19.23
CA GLU A 161 -4.36 17.98 -19.97
C GLU A 161 -3.62 19.13 -19.26
N ALA A 162 -3.88 19.33 -17.96
CA ALA A 162 -3.33 20.42 -17.13
C ALA A 162 -1.80 20.47 -17.28
N VAL A 163 -1.20 19.30 -17.46
CA VAL A 163 0.28 19.06 -17.46
C VAL A 163 0.92 19.71 -18.70
N GLU A 164 0.21 19.72 -19.83
CA GLU A 164 0.73 20.23 -21.13
C GLU A 164 0.54 21.75 -21.24
N ASP A 165 -0.23 22.35 -20.31
CA ASP A 165 -0.67 23.78 -20.36
C ASP A 165 0.16 24.63 -19.37
N SER A 166 0.85 25.65 -19.89
CA SER A 166 1.80 26.52 -19.14
C SER A 166 1.07 27.37 -18.09
N GLY A 167 -0.25 27.57 -18.24
CA GLY A 167 -1.09 28.28 -17.26
C GLY A 167 -1.04 27.59 -15.90
N PHE A 168 -1.33 26.30 -15.88
CA PHE A 168 -1.15 25.37 -14.72
C PHE A 168 0.18 25.70 -14.03
N TRP A 169 1.29 25.55 -14.73
CA TRP A 169 2.65 25.72 -14.12
C TRP A 169 2.82 27.14 -13.57
N GLU A 170 2.08 28.14 -14.07
CA GLU A 170 2.14 29.51 -13.51
C GLU A 170 1.42 29.50 -12.15
N LEU A 171 0.34 28.73 -12.03
CA LEU A 171 -0.38 28.52 -10.74
C LEU A 171 0.62 27.85 -9.76
N VAL A 172 1.21 26.73 -10.21
CA VAL A 172 2.28 25.97 -9.50
C VAL A 172 3.35 26.97 -9.06
N ASP A 173 3.82 27.84 -9.96
CA ASP A 173 4.88 28.84 -9.68
C ASP A 173 4.40 29.75 -8.54
N LYS A 174 3.19 30.29 -8.63
CA LYS A 174 2.70 31.30 -7.64
C LYS A 174 2.76 30.66 -6.25
N GLU A 175 2.23 29.45 -6.11
CA GLU A 175 2.19 28.69 -4.82
C GLU A 175 3.62 28.40 -4.34
N ARG A 176 4.46 27.91 -5.26
CA ARG A 176 5.88 27.58 -4.99
C ARG A 176 6.57 28.78 -4.32
N ASN A 177 6.44 29.98 -4.91
CA ASN A 177 7.07 31.22 -4.38
C ASN A 177 6.41 31.57 -3.03
N LEU A 178 5.11 31.29 -2.87
CA LEU A 178 4.43 31.44 -1.55
C LEU A 178 5.07 30.50 -0.51
N HIS A 179 5.31 29.23 -0.86
CA HIS A 179 5.97 28.26 0.06
C HIS A 179 7.37 28.76 0.47
N LEU A 180 8.21 29.21 -0.47
CA LEU A 180 9.54 29.82 -0.19
C LEU A 180 9.36 31.00 0.78
N GLU A 181 8.27 31.75 0.63
CA GLU A 181 7.88 32.88 1.52
C GLU A 181 7.36 32.36 2.87
N GLY A 182 7.09 31.05 3.00
CA GLY A 182 6.64 30.41 4.26
C GLY A 182 5.13 30.51 4.46
N LYS A 183 4.36 30.59 3.38
CA LYS A 183 2.89 30.80 3.37
C LYS A 183 2.24 29.83 2.37
N CYS A 184 0.93 29.61 2.46
CA CYS A 184 0.17 28.65 1.61
C CYS A 184 -1.19 29.25 1.24
N GLU A 185 -1.65 29.03 0.01
CA GLU A 185 -2.97 29.56 -0.47
C GLU A 185 -3.89 28.45 -0.98
N THR A 186 -3.37 27.41 -1.65
CA THR A 186 -4.21 26.48 -2.45
C THR A 186 -3.99 25.00 -2.11
N CYS A 187 -3.12 24.66 -1.16
CA CYS A 187 -2.86 23.24 -0.74
C CYS A 187 -3.91 22.81 0.32
N VAL A 188 -5.10 22.44 -0.15
CA VAL A 188 -6.27 22.08 0.70
C VAL A 188 -6.68 20.62 0.45
N TYR A 189 -6.90 19.86 1.51
CA TYR A 189 -7.32 18.44 1.41
C TYR A 189 -8.82 18.37 1.11
N ASN A 190 -9.23 17.32 0.40
CA ASN A 190 -10.64 16.95 0.12
C ASN A 190 -10.87 15.49 0.55
N MET A 191 -11.65 15.28 1.61
CA MET A 191 -11.79 13.98 2.32
C MET A 191 -12.77 13.08 1.55
N MET A 192 -12.48 11.77 1.47
CA MET A 192 -13.36 10.72 0.87
C MET A 192 -12.91 9.32 1.32
N SER A 208 -12.26 0.86 7.14
CA SER A 208 -11.16 1.60 7.83
C SER A 208 -10.25 2.29 6.81
N ARG A 209 -10.86 3.06 5.89
CA ARG A 209 -10.14 3.82 4.82
C ARG A 209 -10.53 5.31 4.91
N ALA A 210 -9.69 6.18 4.35
CA ALA A 210 -9.86 7.66 4.34
C ALA A 210 -8.81 8.28 3.41
N ILE A 211 -9.22 8.77 2.24
CA ILE A 211 -8.33 9.20 1.12
C ILE A 211 -8.48 10.71 0.90
N TRP A 212 -7.36 11.44 1.01
CA TRP A 212 -7.32 12.93 0.99
C TRP A 212 -6.72 13.38 -0.34
N TYR A 213 -7.58 13.61 -1.34
CA TYR A 213 -7.21 14.18 -2.67
C TYR A 213 -6.90 15.68 -2.51
N MET A 214 -5.92 16.18 -3.26
CA MET A 214 -5.67 17.63 -3.47
C MET A 214 -5.71 17.90 -4.96
N TRP A 215 -5.71 19.16 -5.39
CA TRP A 215 -5.53 19.49 -6.83
C TRP A 215 -4.08 19.17 -7.25
N LEU A 216 -3.90 18.91 -8.55
CA LEU A 216 -2.65 18.36 -9.12
C LEU A 216 -1.46 19.25 -8.74
N GLY A 217 -1.67 20.57 -8.67
CA GLY A 217 -0.62 21.55 -8.33
C GLY A 217 -0.01 21.29 -6.97
N ALA A 218 -0.85 21.10 -5.94
CA ALA A 218 -0.45 20.74 -4.55
C ALA A 218 0.31 19.40 -4.55
N ARG A 219 -0.19 18.42 -5.32
CA ARG A 219 0.42 17.08 -5.47
C ARG A 219 1.80 17.21 -6.09
N PHE A 220 1.95 18.09 -7.09
CA PHE A 220 3.25 18.34 -7.75
C PHE A 220 4.25 18.82 -6.69
N LEU A 221 3.89 19.86 -5.95
CA LEU A 221 4.77 20.48 -4.93
C LEU A 221 5.14 19.44 -3.87
N GLU A 222 4.21 18.55 -3.50
CA GLU A 222 4.52 17.45 -2.56
C GLU A 222 5.57 16.54 -3.24
N PHE A 223 5.37 16.16 -4.50
CA PHE A 223 6.22 15.21 -5.27
C PHE A 223 7.61 15.81 -5.48
N GLU A 224 7.67 17.10 -5.79
CA GLU A 224 8.94 17.85 -5.99
C GLU A 224 9.80 17.72 -4.74
N ALA A 225 9.19 17.84 -3.57
CA ALA A 225 9.93 18.00 -2.29
C ALA A 225 10.25 16.63 -1.68
N LEU A 226 9.37 15.64 -1.84
CA LEU A 226 9.46 14.37 -1.05
C LEU A 226 9.36 13.13 -1.92
N GLY A 227 9.18 13.28 -3.24
CA GLY A 227 9.08 12.16 -4.20
C GLY A 227 10.32 11.28 -4.18
N PHE A 228 11.48 11.86 -3.86
CA PHE A 228 12.77 11.13 -3.82
C PHE A 228 12.66 9.88 -2.93
N LEU A 229 11.89 9.91 -1.84
CA LEU A 229 11.77 8.77 -0.89
C LEU A 229 11.32 7.52 -1.65
N ASN A 230 10.33 7.67 -2.51
CA ASN A 230 9.83 6.56 -3.37
C ASN A 230 10.64 6.42 -4.66
N GLU A 231 10.86 7.52 -5.38
CA GLU A 231 11.56 7.47 -6.71
C GLU A 231 12.95 6.84 -6.61
N ASP A 232 13.67 7.09 -5.49
CA ASP A 232 15.06 6.63 -5.26
C ASP A 232 15.08 5.45 -4.27
N HIS A 233 13.92 4.89 -3.91
CA HIS A 233 13.83 3.60 -3.17
C HIS A 233 14.55 3.67 -1.81
N TRP A 234 14.25 4.66 -1.00
CA TRP A 234 14.85 4.82 0.35
C TRP A 234 14.44 3.62 1.25
N PHE A 235 13.27 3.04 0.99
CA PHE A 235 12.72 1.91 1.77
C PHE A 235 12.90 0.57 1.05
N SER A 236 13.77 0.48 0.04
CA SER A 236 14.20 -0.85 -0.49
C SER A 236 14.75 -1.67 0.68
N ARG A 237 14.75 -2.99 0.59
CA ARG A 237 15.39 -3.81 1.65
C ARG A 237 16.91 -3.58 1.71
N GLU A 238 17.56 -3.43 0.56
CA GLU A 238 19.04 -3.19 0.51
C GLU A 238 19.33 -1.91 1.29
N ASN A 239 18.52 -0.89 1.15
CA ASN A 239 18.84 0.43 1.75
C ASN A 239 18.41 0.52 3.23
N SER A 240 17.20 0.05 3.61
CA SER A 240 16.56 0.31 4.94
C SER A 240 16.62 -0.91 5.88
N LEU A 241 16.95 -2.10 5.36
CA LEU A 241 17.13 -3.42 6.06
C LEU A 241 15.79 -4.03 6.53
N SER A 242 14.85 -3.21 7.00
CA SER A 242 13.47 -3.63 7.41
C SER A 242 12.49 -3.53 6.26
N GLY A 243 12.69 -2.56 5.36
CA GLY A 243 11.74 -2.24 4.29
C GLY A 243 11.66 -3.33 3.24
N VAL A 244 10.58 -3.28 2.45
CA VAL A 244 10.26 -4.22 1.34
C VAL A 244 9.73 -3.44 0.11
N GLU A 245 9.91 -2.12 0.07
CA GLU A 245 9.36 -1.29 -1.05
C GLU A 245 10.02 -1.76 -2.36
N GLY A 246 9.21 -2.14 -3.35
CA GLY A 246 9.67 -2.58 -4.69
C GLY A 246 10.04 -4.05 -4.76
N GLU A 247 10.06 -4.76 -3.62
CA GLU A 247 10.70 -6.10 -3.53
C GLU A 247 9.89 -7.12 -4.34
N GLY A 248 8.56 -7.00 -4.38
CA GLY A 248 7.70 -7.91 -5.16
C GLY A 248 7.10 -9.02 -4.30
N LEU A 249 5.84 -9.36 -4.55
CA LEU A 249 5.04 -10.35 -3.79
C LEU A 249 5.69 -11.74 -3.88
N HIS A 250 6.36 -12.03 -4.99
CA HIS A 250 7.21 -13.23 -5.18
C HIS A 250 8.51 -13.20 -4.36
N LYS A 251 8.82 -12.10 -3.69
CA LYS A 251 10.03 -12.03 -2.83
C LYS A 251 9.68 -12.02 -1.33
N LEU A 252 8.46 -11.61 -0.98
CA LEU A 252 8.08 -11.36 0.43
C LEU A 252 8.20 -12.65 1.25
N GLY A 253 7.74 -13.78 0.69
CA GLY A 253 7.82 -15.07 1.40
C GLY A 253 9.27 -15.46 1.68
N TYR A 254 10.15 -15.26 0.70
CA TYR A 254 11.59 -15.57 0.90
C TYR A 254 12.19 -14.62 1.95
N ILE A 255 11.79 -13.36 1.93
CA ILE A 255 12.25 -12.37 2.94
C ILE A 255 11.81 -12.83 4.35
N LEU A 256 10.54 -13.21 4.54
CA LEU A 256 10.06 -13.71 5.86
C LEU A 256 10.83 -14.96 6.28
N ARG A 257 11.11 -15.89 5.34
CA ARG A 257 11.87 -17.12 5.67
C ARG A 257 13.29 -16.72 6.10
N ASP A 258 13.91 -15.71 5.47
CA ASP A 258 15.28 -15.26 5.90
C ASP A 258 15.19 -14.70 7.34
N VAL A 259 14.17 -13.90 7.68
CA VAL A 259 13.97 -13.40 9.06
C VAL A 259 13.85 -14.60 10.02
N SER A 260 13.13 -15.66 9.65
CA SER A 260 12.90 -16.88 10.48
C SER A 260 14.23 -17.57 10.82
N LYS A 261 15.27 -17.39 10.02
CA LYS A 261 16.58 -18.06 10.15
C LYS A 261 17.39 -17.47 11.30
N LYS A 262 17.09 -16.24 11.69
CA LYS A 262 17.73 -15.55 12.84
C LYS A 262 17.38 -16.28 14.12
N GLU A 263 18.35 -16.43 15.03
CA GLU A 263 18.07 -16.89 16.40
C GLU A 263 17.16 -15.85 17.04
N GLY A 264 16.12 -16.29 17.75
CA GLY A 264 15.34 -15.41 18.62
C GLY A 264 14.00 -15.98 18.95
N GLY A 265 13.02 -15.14 19.26
CA GLY A 265 11.72 -15.60 19.78
C GLY A 265 10.73 -15.91 18.65
N ALA A 266 9.44 -15.86 18.97
CA ALA A 266 8.34 -16.00 18.01
C ALA A 266 8.42 -14.87 16.98
N MET A 267 7.69 -14.99 15.87
CA MET A 267 7.46 -13.87 14.93
C MET A 267 6.16 -13.16 15.31
N TYR A 268 6.24 -11.85 15.57
CA TYR A 268 5.13 -10.99 15.97
C TYR A 268 4.69 -10.17 14.77
N ALA A 269 3.38 -10.11 14.59
CA ALA A 269 2.75 -9.40 13.47
C ALA A 269 1.52 -8.71 14.05
N ASP A 270 1.73 -7.73 14.92
CA ASP A 270 0.62 -6.97 15.53
C ASP A 270 0.18 -5.88 14.56
N ASP A 271 -1.11 -5.83 14.22
CA ASP A 271 -1.72 -4.70 13.45
C ASP A 271 -2.03 -3.57 14.43
N THR A 272 -1.88 -2.33 13.97
CA THR A 272 -2.28 -1.12 14.72
C THR A 272 -3.73 -0.85 14.37
N ALA A 273 -4.54 -0.47 15.34
CA ALA A 273 -5.92 0.02 15.10
C ALA A 273 -5.82 1.45 14.53
N GLY A 274 -6.19 1.62 13.26
CA GLY A 274 -6.27 2.92 12.55
C GLY A 274 -4.94 3.67 12.59
N TRP A 275 -3.88 3.06 12.05
CA TRP A 275 -2.51 3.65 12.05
C TRP A 275 -2.52 5.16 11.71
N ASP A 276 -3.13 5.57 10.59
CA ASP A 276 -3.07 6.97 10.08
C ASP A 276 -3.64 7.94 11.13
N THR A 277 -4.63 7.51 11.92
CA THR A 277 -5.33 8.39 12.92
C THR A 277 -4.49 8.49 14.19
N ARG A 278 -3.44 7.68 14.36
CA ARG A 278 -2.62 7.61 15.60
C ARG A 278 -1.27 8.26 15.37
N ILE A 279 -1.04 8.87 14.21
CA ILE A 279 0.20 9.64 13.93
C ILE A 279 0.14 10.94 14.74
N THR A 280 1.07 11.14 15.67
CA THR A 280 1.06 12.29 16.61
C THR A 280 1.78 13.47 15.95
N LEU A 281 1.60 14.67 16.49
CA LEU A 281 2.40 15.84 16.04
C LEU A 281 3.88 15.54 16.30
N GLU A 282 4.22 14.74 17.32
CA GLU A 282 5.64 14.39 17.61
C GLU A 282 6.20 13.46 16.51
N ASP A 283 5.40 12.48 16.06
CA ASP A 283 5.74 11.67 14.85
C ASP A 283 6.01 12.61 13.65
N LEU A 284 5.12 13.57 13.36
CA LEU A 284 5.27 14.47 12.17
C LEU A 284 6.58 15.27 12.28
N LYS A 285 7.01 15.66 13.49
CA LYS A 285 8.24 16.43 13.77
C LYS A 285 9.48 15.54 13.59
N ASN A 286 9.42 14.28 14.00
CA ASN A 286 10.52 13.32 13.73
C ASN A 286 10.63 13.02 12.23
N GLU A 287 9.51 12.87 11.52
CA GLU A 287 9.52 12.67 10.03
C GLU A 287 10.19 13.88 9.33
N GLU A 288 9.86 15.10 9.77
N GLU A 288 9.86 15.10 9.79
CA GLU A 288 10.39 16.37 9.18
CA GLU A 288 10.37 16.39 9.24
C GLU A 288 11.92 16.41 9.25
C GLU A 288 11.90 16.43 9.27
N MET A 289 12.54 15.72 10.20
CA MET A 289 14.02 15.72 10.36
C MET A 289 14.74 15.19 9.10
N VAL A 290 14.03 14.60 8.14
CA VAL A 290 14.67 14.25 6.85
C VAL A 290 15.17 15.55 6.20
N THR A 291 14.51 16.69 6.40
CA THR A 291 14.97 18.02 5.88
C THR A 291 16.37 18.40 6.40
N ASN A 292 16.80 17.85 7.53
CA ASN A 292 18.18 18.08 8.07
C ASN A 292 19.25 17.54 7.11
N HIS A 293 18.89 16.69 6.15
CA HIS A 293 19.84 16.03 5.20
C HIS A 293 19.82 16.74 3.85
N MET A 294 19.02 17.79 3.73
CA MET A 294 18.77 18.50 2.46
C MET A 294 19.56 19.83 2.46
N GLU A 295 19.46 20.59 1.36
CA GLU A 295 20.19 21.88 1.21
C GLU A 295 19.47 22.78 0.21
N GLY A 296 19.84 24.05 0.25
CA GLY A 296 19.40 25.06 -0.73
C GLY A 296 17.89 25.16 -0.77
N GLU A 297 17.38 25.33 -1.97
CA GLU A 297 15.93 25.43 -2.30
C GLU A 297 15.20 24.22 -1.69
N HIS A 298 15.70 23.02 -1.99
CA HIS A 298 15.04 21.73 -1.66
C HIS A 298 14.72 21.74 -0.16
N LYS A 299 15.70 22.05 0.68
CA LYS A 299 15.51 22.10 2.13
C LYS A 299 14.29 22.97 2.45
N LYS A 300 14.15 24.12 1.78
CA LYS A 300 13.09 25.12 2.09
C LYS A 300 11.75 24.62 1.58
N LEU A 301 11.70 24.08 0.37
CA LEU A 301 10.46 23.52 -0.24
C LEU A 301 9.94 22.34 0.62
N ALA A 302 10.82 21.44 1.09
CA ALA A 302 10.49 20.28 1.93
C ALA A 302 9.95 20.76 3.29
N GLU A 303 10.65 21.70 3.93
CA GLU A 303 10.25 22.27 5.25
C GLU A 303 8.84 22.86 5.16
N ALA A 304 8.49 23.46 4.01
CA ALA A 304 7.19 24.11 3.79
C ALA A 304 6.09 23.06 3.65
N ILE A 305 6.35 21.98 2.91
CA ILE A 305 5.38 20.86 2.79
C ILE A 305 5.07 20.36 4.22
N PHE A 306 6.10 20.10 5.03
CA PHE A 306 5.94 19.54 6.40
C PHE A 306 5.15 20.52 7.27
N LYS A 307 5.56 21.80 7.33
CA LYS A 307 4.96 22.87 8.18
C LYS A 307 3.53 23.21 7.73
N LEU A 308 3.33 23.47 6.46
CA LEU A 308 2.11 24.17 5.97
C LEU A 308 1.03 23.18 5.56
N THR A 309 1.38 21.96 5.15
CA THR A 309 0.40 20.97 4.62
C THR A 309 0.26 19.75 5.55
N TYR A 310 1.31 19.35 6.27
CA TYR A 310 1.30 18.09 7.08
C TYR A 310 1.02 18.41 8.55
N GLN A 311 1.73 19.39 9.12
CA GLN A 311 1.66 19.75 10.56
C GLN A 311 0.55 20.79 10.81
N ASN A 312 -0.05 21.31 9.72
CA ASN A 312 -1.29 22.14 9.70
C ASN A 312 -2.07 21.75 8.44
N LYS A 313 -3.31 21.29 8.57
CA LYS A 313 -4.10 20.77 7.43
C LYS A 313 -5.41 21.54 7.34
N VAL A 314 -5.86 21.77 6.12
CA VAL A 314 -7.19 22.35 5.80
C VAL A 314 -7.87 21.32 4.91
N VAL A 315 -9.13 20.98 5.24
CA VAL A 315 -9.85 19.84 4.62
C VAL A 315 -11.29 20.26 4.33
N ARG A 316 -11.81 19.79 3.20
CA ARG A 316 -13.23 20.03 2.83
C ARG A 316 -13.93 18.66 2.81
N VAL A 317 -15.06 18.55 3.51
CA VAL A 317 -15.81 17.28 3.73
C VAL A 317 -17.25 17.48 3.27
N GLN A 318 -17.81 16.52 2.52
CA GLN A 318 -19.25 16.48 2.15
C GLN A 318 -20.06 15.96 3.34
N ARG A 319 -21.00 16.78 3.84
CA ARG A 319 -21.98 16.38 4.89
C ARG A 319 -23.39 16.42 4.29
N PRO A 320 -24.22 15.36 4.46
CA PRO A 320 -25.54 15.29 3.83
C PRO A 320 -26.60 16.26 4.39
N THR A 321 -26.47 16.64 5.67
CA THR A 321 -27.41 17.53 6.42
C THR A 321 -27.67 18.81 5.60
N THR A 325 -26.91 18.85 1.56
CA THR A 325 -25.46 18.60 1.34
C THR A 325 -24.70 19.94 1.35
N VAL A 326 -23.88 20.17 2.39
CA VAL A 326 -22.95 21.33 2.48
C VAL A 326 -21.51 20.79 2.42
N MET A 327 -20.55 21.71 2.25
CA MET A 327 -19.08 21.44 2.35
C MET A 327 -18.56 22.07 3.64
N ASP A 328 -17.94 21.26 4.50
CA ASP A 328 -17.32 21.73 5.79
C ASP A 328 -15.83 21.97 5.58
N ILE A 329 -15.34 23.11 6.04
CA ILE A 329 -13.90 23.50 5.99
C ILE A 329 -13.37 23.37 7.41
N ILE A 330 -12.58 22.33 7.65
CA ILE A 330 -12.12 21.90 9.00
C ILE A 330 -10.59 21.87 8.98
N SER A 331 -9.96 21.96 10.14
CA SER A 331 -8.50 21.97 10.27
C SER A 331 -8.08 21.10 11.47
N ARG A 332 -6.87 20.52 11.40
CA ARG A 332 -6.17 19.93 12.57
C ARG A 332 -4.68 19.82 12.26
N ARG A 333 -3.90 19.61 13.31
CA ARG A 333 -2.43 19.64 13.25
C ARG A 333 -1.88 18.22 13.02
N ASP A 334 -2.49 17.18 13.60
CA ASP A 334 -1.90 15.82 13.69
C ASP A 334 -2.63 14.84 12.76
N GLN A 335 -2.33 13.54 12.87
CA GLN A 335 -2.78 12.46 11.96
C GLN A 335 -2.06 12.53 10.61
N ARG A 336 -2.14 11.43 9.86
CA ARG A 336 -1.62 11.30 8.48
C ARG A 336 -2.69 11.75 7.49
N GLY A 337 -2.27 12.68 6.63
CA GLY A 337 -2.99 13.19 5.45
C GLY A 337 -1.94 13.78 4.52
N SER A 338 -1.54 12.96 3.55
CA SER A 338 -0.47 13.24 2.57
C SER A 338 -0.86 12.46 1.32
N GLY A 339 -0.12 12.61 0.23
CA GLY A 339 -0.23 11.68 -0.90
C GLY A 339 -0.07 10.25 -0.43
N GLN A 340 -0.70 9.29 -1.10
CA GLN A 340 -0.66 7.86 -0.73
C GLN A 340 0.80 7.38 -0.78
N VAL A 341 1.60 7.82 -1.74
CA VAL A 341 3.00 7.31 -1.91
C VAL A 341 3.91 7.89 -0.83
N VAL A 342 3.82 9.22 -0.57
CA VAL A 342 4.58 9.78 0.59
C VAL A 342 4.08 9.16 1.91
N THR A 343 2.77 9.00 2.07
CA THR A 343 2.18 8.29 3.23
C THR A 343 2.83 6.92 3.47
N TYR A 344 3.02 6.13 2.42
CA TYR A 344 3.64 4.78 2.51
C TYR A 344 5.03 4.93 3.13
N GLY A 345 5.86 5.81 2.58
CA GLY A 345 7.28 5.94 2.99
C GLY A 345 7.39 6.44 4.43
N LEU A 346 6.56 7.41 4.82
CA LEU A 346 6.62 7.96 6.19
C LEU A 346 5.99 6.99 7.21
N ASN A 347 4.92 6.28 6.84
CA ASN A 347 4.39 5.13 7.64
C ASN A 347 5.49 4.10 7.84
N THR A 348 6.21 3.71 6.81
CA THR A 348 7.32 2.74 6.94
C THR A 348 8.37 3.27 7.94
N PHE A 349 8.78 4.54 7.78
CA PHE A 349 9.83 5.16 8.63
C PHE A 349 9.42 5.08 10.11
N THR A 350 8.21 5.54 10.40
CA THR A 350 7.72 5.75 11.78
C THR A 350 7.43 4.38 12.40
N ASN A 351 7.04 3.40 11.58
CA ASN A 351 6.81 2.01 12.05
C ASN A 351 8.17 1.38 12.38
N MET A 352 9.16 1.57 11.51
CA MET A 352 10.52 1.06 11.79
C MET A 352 10.97 1.62 13.16
N GLU A 353 10.74 2.92 13.38
CA GLU A 353 11.17 3.64 14.62
C GLU A 353 10.47 2.99 15.84
N ALA A 354 9.15 2.92 15.79
CA ALA A 354 8.28 2.34 16.84
C ALA A 354 8.71 0.91 17.17
N GLN A 355 8.96 0.08 16.15
CA GLN A 355 9.32 -1.35 16.40
C GLN A 355 10.75 -1.45 16.96
N LEU A 356 11.70 -0.58 16.60
CA LEU A 356 13.07 -0.63 17.22
C LEU A 356 12.96 -0.29 18.72
N ILE A 357 12.14 0.69 19.06
CA ILE A 357 11.88 1.12 20.47
C ILE A 357 11.17 -0.02 21.21
N ARG A 358 10.19 -0.69 20.61
CA ARG A 358 9.57 -1.84 21.29
C ARG A 358 10.64 -2.90 21.53
N GLN A 359 11.52 -3.16 20.56
CA GLN A 359 12.62 -4.11 20.76
C GLN A 359 13.52 -3.61 21.92
N MET A 360 13.84 -2.31 21.99
CA MET A 360 14.70 -1.78 23.09
C MET A 360 14.04 -2.09 24.46
N GLU A 361 12.75 -1.86 24.56
CA GLU A 361 11.97 -2.10 25.80
C GLU A 361 12.05 -3.57 26.17
N GLY A 362 11.88 -4.48 25.21
CA GLY A 362 11.98 -5.92 25.47
C GLY A 362 13.36 -6.32 26.00
N GLU A 363 14.41 -5.70 25.47
CA GLU A 363 15.83 -6.00 25.82
C GLU A 363 16.25 -5.23 27.08
N GLY A 364 15.36 -4.45 27.68
CA GLY A 364 15.65 -3.71 28.92
C GLY A 364 16.65 -2.58 28.73
N VAL A 365 16.67 -1.90 27.57
CA VAL A 365 17.69 -0.86 27.24
C VAL A 365 17.39 0.36 28.10
N PHE A 366 16.11 0.59 28.42
CA PHE A 366 15.58 1.65 29.31
C PHE A 366 14.51 1.03 30.21
N LYS A 367 14.21 1.63 31.37
CA LYS A 367 13.38 0.97 32.41
C LYS A 367 11.98 1.58 32.39
N SER A 368 11.86 2.88 32.16
CA SER A 368 10.55 3.57 32.20
C SER A 368 10.49 4.68 31.16
N ILE A 369 9.28 4.88 30.61
CA ILE A 369 8.97 5.85 29.53
C ILE A 369 8.71 7.22 30.14
N GLN A 370 8.53 7.27 31.47
CA GLN A 370 8.22 8.53 32.21
C GLN A 370 9.38 9.51 31.96
N HIS A 371 10.62 9.00 31.89
CA HIS A 371 11.84 9.83 31.92
C HIS A 371 13.07 8.97 31.64
N LEU A 372 13.85 9.35 30.64
CA LEU A 372 15.18 8.76 30.36
C LEU A 372 16.19 9.50 31.24
N THR A 373 17.00 8.75 32.00
CA THR A 373 18.19 9.29 32.71
C THR A 373 19.19 9.67 31.62
N VAL A 374 20.28 10.35 31.98
CA VAL A 374 21.31 10.80 31.00
C VAL A 374 22.03 9.56 30.48
N THR A 375 22.29 8.60 31.37
CA THR A 375 23.05 7.35 31.06
C THR A 375 22.16 6.36 30.27
N GLU A 376 20.83 6.49 30.35
CA GLU A 376 19.90 5.68 29.52
C GLU A 376 19.99 6.22 28.08
N GLU A 377 20.02 7.55 27.91
CA GLU A 377 20.18 8.18 26.57
C GLU A 377 21.43 7.63 25.90
N ILE A 378 22.56 7.61 26.62
CA ILE A 378 23.84 7.09 26.06
C ILE A 378 23.69 5.58 25.77
N ALA A 379 22.99 4.83 26.62
CA ALA A 379 22.73 3.37 26.40
C ALA A 379 21.91 3.16 25.11
N VAL A 380 20.85 3.94 24.90
CA VAL A 380 19.96 3.88 23.70
C VAL A 380 20.81 4.19 22.46
N LYS A 381 21.61 5.26 22.49
CA LYS A 381 22.50 5.66 21.38
C LYS A 381 23.46 4.52 21.06
N ASN A 382 24.03 3.90 22.11
CA ASN A 382 25.07 2.84 21.99
C ASN A 382 24.46 1.55 21.43
N TRP A 383 23.26 1.19 21.88
CA TRP A 383 22.47 0.06 21.32
C TRP A 383 22.33 0.25 19.80
N LEU A 384 21.87 1.43 19.38
CA LEU A 384 21.62 1.76 17.95
C LEU A 384 22.91 1.62 17.15
N VAL A 385 24.01 2.18 17.62
CA VAL A 385 25.32 2.13 16.92
C VAL A 385 25.80 0.68 16.91
N ARG A 386 25.65 -0.03 18.01
CA ARG A 386 26.21 -1.39 18.18
C ARG A 386 25.33 -2.41 17.41
N VAL A 387 24.00 -2.40 17.58
CA VAL A 387 23.15 -3.54 17.08
C VAL A 387 21.98 -3.06 16.21
N GLY A 388 21.82 -1.74 16.02
CA GLY A 388 20.67 -1.13 15.31
C GLY A 388 20.42 -1.78 13.97
N ARG A 389 21.47 -1.98 13.17
CA ARG A 389 21.34 -2.52 11.80
C ARG A 389 20.91 -3.99 11.93
N GLU A 390 21.49 -4.76 12.88
CA GLU A 390 21.06 -6.17 13.10
C GLU A 390 19.56 -6.20 13.46
N ARG A 391 19.10 -5.26 14.30
CA ARG A 391 17.70 -5.29 14.80
C ARG A 391 16.75 -4.91 13.65
N LEU A 392 17.21 -4.08 12.70
CA LEU A 392 16.35 -3.68 11.54
C LEU A 392 16.16 -4.91 10.65
N SER A 393 17.19 -5.72 10.53
CA SER A 393 17.19 -6.90 9.63
C SER A 393 16.26 -7.98 10.19
N ARG A 394 15.82 -7.84 11.44
CA ARG A 394 14.92 -8.81 12.12
C ARG A 394 13.47 -8.46 11.79
N MET A 395 13.26 -7.43 10.96
CA MET A 395 11.90 -6.92 10.65
C MET A 395 11.60 -6.93 9.14
N ALA A 396 10.33 -7.08 8.80
CA ALA A 396 9.77 -6.81 7.47
C ALA A 396 8.64 -5.81 7.68
N ILE A 397 8.79 -4.61 7.12
CA ILE A 397 7.87 -3.48 7.39
C ILE A 397 7.44 -2.85 6.06
N SER A 398 6.13 -2.89 5.83
CA SER A 398 5.45 -2.27 4.67
C SER A 398 4.44 -1.27 5.24
N GLY A 399 4.79 0.02 5.27
CA GLY A 399 3.89 1.03 5.86
C GLY A 399 3.47 0.66 7.27
N ASP A 400 2.18 0.58 7.55
CA ASP A 400 1.68 0.27 8.91
C ASP A 400 1.79 -1.23 9.21
N ASP A 401 2.25 -2.04 8.28
CA ASP A 401 2.22 -3.52 8.43
C ASP A 401 3.63 -3.98 8.81
N CYS A 402 3.78 -4.78 9.88
CA CYS A 402 5.10 -5.27 10.29
C CYS A 402 5.09 -6.74 10.69
N VAL A 403 6.27 -7.33 10.56
CA VAL A 403 6.64 -8.64 11.15
C VAL A 403 7.99 -8.40 11.84
N VAL A 404 8.10 -8.82 13.08
CA VAL A 404 9.30 -8.65 13.93
C VAL A 404 9.66 -10.01 14.51
N LYS A 405 10.90 -10.43 14.33
CA LYS A 405 11.51 -11.56 15.06
C LYS A 405 12.50 -11.02 16.07
N PRO A 406 12.02 -10.69 17.29
CA PRO A 406 12.89 -10.10 18.31
C PRO A 406 13.90 -11.11 18.84
N LEU A 407 14.85 -10.60 19.62
CA LEU A 407 15.91 -11.43 20.26
C LEU A 407 15.28 -12.56 21.12
N ASP A 408 14.15 -12.32 21.76
CA ASP A 408 13.47 -13.35 22.61
C ASP A 408 12.03 -12.91 22.84
N ASP A 409 11.26 -13.62 23.66
CA ASP A 409 9.81 -13.35 23.79
C ASP A 409 9.53 -12.30 24.87
N ARG A 410 10.53 -11.63 25.45
CA ARG A 410 10.24 -10.48 26.35
C ARG A 410 9.45 -9.42 25.59
N PHE A 411 9.72 -9.27 24.28
CA PHE A 411 9.04 -8.36 23.33
C PHE A 411 7.52 -8.44 23.47
N ALA A 412 6.94 -9.65 23.63
CA ALA A 412 5.48 -9.91 23.72
C ALA A 412 4.80 -9.02 24.77
N SER A 413 5.44 -8.78 25.92
CA SER A 413 4.82 -7.99 27.02
C SER A 413 5.52 -6.64 27.16
N ALA A 414 6.32 -6.22 26.17
CA ALA A 414 6.97 -4.88 26.17
C ALA A 414 6.01 -3.91 25.47
N LEU A 415 5.11 -3.27 26.23
CA LEU A 415 3.92 -2.57 25.66
C LEU A 415 3.88 -1.09 26.07
N THR A 416 4.71 -0.61 26.99
CA THR A 416 4.49 0.76 27.55
C THR A 416 4.84 1.80 26.49
N ALA A 417 5.99 1.69 25.82
CA ALA A 417 6.37 2.68 24.78
C ALA A 417 5.39 2.60 23.59
N LEU A 418 5.06 1.39 23.11
CA LEU A 418 4.12 1.18 21.98
C LEU A 418 2.77 1.85 22.27
N ASN A 419 2.22 1.63 23.47
CA ASN A 419 0.90 2.23 23.84
C ASN A 419 1.09 3.75 23.99
N ASP A 420 2.17 4.22 24.62
CA ASP A 420 2.36 5.68 24.90
C ASP A 420 2.61 6.46 23.59
N MET A 421 3.24 5.85 22.58
CA MET A 421 3.42 6.46 21.24
C MET A 421 2.07 6.56 20.53
N GLY A 422 1.02 5.91 21.06
CA GLY A 422 -0.35 5.86 20.48
C GLY A 422 -0.54 4.75 19.46
N LYS A 423 0.44 3.86 19.26
CA LYS A 423 0.37 2.74 18.28
C LYS A 423 -0.29 1.52 18.93
N VAL A 424 -1.56 1.69 19.32
CA VAL A 424 -2.37 0.71 20.09
C VAL A 424 -2.74 -0.45 19.16
N ARG A 425 -2.55 -1.68 19.64
CA ARG A 425 -2.78 -2.92 18.86
C ARG A 425 -4.27 -3.10 18.64
N LYS A 426 -4.64 -3.62 17.47
CA LYS A 426 -6.02 -3.99 17.06
C LYS A 426 -6.43 -5.32 17.73
N ASP A 427 -7.66 -5.42 18.24
CA ASP A 427 -8.31 -6.72 18.62
C ASP A 427 -7.51 -7.46 19.70
N ILE A 428 -7.06 -6.74 20.73
CA ILE A 428 -6.38 -7.29 21.94
C ILE A 428 -6.41 -6.21 23.01
N GLN A 429 -6.60 -6.57 24.27
CA GLN A 429 -6.69 -5.59 25.37
C GLN A 429 -5.31 -4.94 25.53
N GLN A 430 -5.33 -3.66 25.84
CA GLN A 430 -4.15 -2.77 25.90
C GLN A 430 -2.94 -3.47 26.52
N TRP A 431 -3.12 -4.21 27.62
CA TRP A 431 -1.98 -4.66 28.44
C TRP A 431 -1.78 -6.17 28.34
N GLU A 432 -2.55 -6.85 27.49
CA GLU A 432 -2.46 -8.31 27.23
C GLU A 432 -1.25 -8.55 26.34
N PRO A 433 -0.32 -9.46 26.71
CA PRO A 433 0.85 -9.73 25.87
C PRO A 433 0.47 -10.20 24.46
N SER A 434 1.25 -9.79 23.45
CA SER A 434 1.11 -10.20 22.05
C SER A 434 1.23 -11.72 21.98
N ARG A 435 0.46 -12.36 21.10
CA ARG A 435 0.67 -13.78 20.72
C ARG A 435 1.47 -13.80 19.41
N GLY A 436 2.58 -14.50 19.41
CA GLY A 436 3.49 -14.63 18.26
C GLY A 436 3.21 -15.89 17.48
N TRP A 437 3.87 -16.03 16.34
CA TRP A 437 3.74 -17.17 15.42
C TRP A 437 5.00 -17.99 15.53
N ASN A 438 4.87 -19.30 15.63
CA ASN A 438 5.99 -20.25 15.77
C ASN A 438 6.50 -20.68 14.39
N ASP A 439 5.74 -20.44 13.33
CA ASP A 439 6.09 -20.92 11.97
C ASP A 439 5.92 -19.78 10.96
N TRP A 440 6.98 -19.44 10.23
CA TRP A 440 7.00 -18.31 9.28
C TRP A 440 5.92 -18.52 8.20
N THR A 441 5.49 -19.75 7.94
CA THR A 441 4.45 -20.08 6.93
C THR A 441 3.04 -19.73 7.41
N GLN A 442 2.89 -19.35 8.68
CA GLN A 442 1.57 -19.00 9.28
C GLN A 442 1.48 -17.49 9.55
N VAL A 443 2.58 -16.75 9.38
CA VAL A 443 2.62 -15.27 9.65
C VAL A 443 1.84 -14.53 8.58
N PRO A 444 0.89 -13.64 8.96
CA PRO A 444 0.25 -12.78 7.97
C PRO A 444 1.15 -11.58 7.63
N PHE A 445 1.24 -11.17 6.35
CA PHE A 445 2.00 -9.96 5.93
C PHE A 445 1.46 -9.50 4.59
N CYS A 446 1.14 -8.21 4.46
CA CYS A 446 0.64 -7.60 3.20
C CYS A 446 -0.53 -8.42 2.64
N SER A 447 -1.44 -8.84 3.53
CA SER A 447 -2.73 -9.53 3.22
C SER A 447 -2.49 -10.96 2.72
N HIS A 448 -1.28 -11.53 2.92
CA HIS A 448 -0.93 -12.89 2.45
C HIS A 448 -0.35 -13.75 3.57
N HIS A 449 -0.24 -15.07 3.32
CA HIS A 449 0.68 -15.98 4.01
C HIS A 449 1.48 -16.65 2.88
N PHE A 450 2.48 -17.43 3.26
CA PHE A 450 3.49 -17.95 2.32
C PHE A 450 3.70 -19.43 2.56
N HIS A 451 3.69 -20.20 1.47
CA HIS A 451 3.91 -21.66 1.46
C HIS A 451 5.31 -21.97 0.95
N GLU A 452 5.93 -23.04 1.47
CA GLU A 452 7.18 -23.63 0.93
C GLU A 452 6.78 -24.78 0.00
N LEU A 453 7.14 -24.74 -1.27
CA LEU A 453 6.57 -25.67 -2.27
C LEU A 453 7.74 -26.29 -3.03
N ILE A 454 7.86 -27.62 -2.97
CA ILE A 454 9.06 -28.31 -3.54
C ILE A 454 8.69 -28.80 -4.94
N MET A 455 9.47 -28.39 -5.91
CA MET A 455 9.28 -28.79 -7.33
C MET A 455 9.69 -30.25 -7.49
N LYS A 456 9.09 -30.94 -8.45
N LYS A 456 9.09 -30.94 -8.46
CA LYS A 456 9.41 -32.36 -8.77
CA LYS A 456 9.42 -32.35 -8.78
C LYS A 456 10.94 -32.52 -8.88
C LYS A 456 10.94 -32.51 -8.87
N ASP A 457 11.66 -31.48 -9.32
CA ASP A 457 13.13 -31.51 -9.49
C ASP A 457 13.90 -31.12 -8.20
N GLY A 458 13.22 -30.98 -7.06
CA GLY A 458 13.88 -30.71 -5.78
C GLY A 458 14.08 -29.23 -5.49
N ARG A 459 13.94 -28.30 -6.45
CA ARG A 459 14.16 -26.86 -6.13
C ARG A 459 12.97 -26.32 -5.30
N VAL A 460 13.22 -25.26 -4.54
CA VAL A 460 12.28 -24.73 -3.52
C VAL A 460 11.74 -23.38 -3.95
N LEU A 461 10.41 -23.34 -4.09
CA LEU A 461 9.62 -22.10 -4.30
C LEU A 461 8.99 -21.67 -2.97
N VAL A 462 9.07 -20.39 -2.64
CA VAL A 462 8.27 -19.79 -1.53
C VAL A 462 7.27 -18.89 -2.20
N VAL A 463 5.99 -19.24 -2.07
CA VAL A 463 4.89 -18.65 -2.88
C VAL A 463 3.91 -17.91 -1.99
N PRO A 464 3.37 -16.80 -2.53
CA PRO A 464 2.32 -16.03 -1.87
C PRO A 464 0.96 -16.70 -1.99
N CYS A 465 0.12 -16.52 -0.97
CA CYS A 465 -1.22 -17.15 -0.92
C CYS A 465 -2.16 -16.31 -0.07
N ARG A 466 -3.43 -16.33 -0.40
CA ARG A 466 -4.50 -15.87 0.50
C ARG A 466 -5.78 -16.62 0.17
N ASN A 467 -6.79 -16.47 0.99
CA ASN A 467 -8.06 -17.21 0.81
C ASN A 467 -8.55 -16.96 -0.62
N GLN A 468 -8.91 -18.01 -1.36
CA GLN A 468 -9.14 -17.92 -2.82
C GLN A 468 -10.44 -17.14 -3.09
N ASP A 469 -11.37 -17.12 -2.13
CA ASP A 469 -12.61 -16.30 -2.31
C ASP A 469 -12.23 -14.83 -2.46
N GLU A 470 -11.24 -14.35 -1.72
CA GLU A 470 -10.76 -12.95 -1.79
C GLU A 470 -10.15 -12.69 -3.19
N LEU A 471 -9.38 -13.62 -3.73
CA LEU A 471 -8.74 -13.42 -5.06
C LEU A 471 -9.81 -13.39 -6.17
N ILE A 472 -10.72 -14.35 -6.17
CA ILE A 472 -11.78 -14.39 -7.21
C ILE A 472 -12.72 -13.19 -7.09
N GLY A 473 -13.10 -12.84 -5.88
CA GLY A 473 -13.98 -11.71 -5.60
C GLY A 473 -13.41 -10.37 -6.08
N ARG A 474 -12.12 -10.14 -5.90
CA ARG A 474 -11.44 -8.87 -6.34
C ARG A 474 -11.35 -8.84 -7.88
N ALA A 475 -11.09 -9.96 -8.53
CA ALA A 475 -10.90 -10.04 -10.00
C ALA A 475 -12.26 -9.79 -10.67
N ARG A 476 -13.36 -10.00 -9.94
CA ARG A 476 -14.73 -9.82 -10.51
C ARG A 476 -15.18 -8.37 -10.42
N ILE A 477 -14.36 -7.47 -9.90
CA ILE A 477 -14.75 -6.05 -9.70
C ILE A 477 -13.91 -5.13 -10.59
N SER A 478 -14.57 -4.15 -11.20
N SER A 478 -14.54 -4.13 -11.20
CA SER A 478 -13.93 -2.98 -11.89
CA SER A 478 -13.88 -3.00 -11.90
C SER A 478 -14.29 -1.72 -11.11
C SER A 478 -14.36 -1.67 -11.30
N GLN A 479 -13.44 -0.69 -11.20
CA GLN A 479 -13.76 0.66 -10.64
C GLN A 479 -13.95 1.60 -11.84
N GLY A 480 -14.98 2.46 -11.78
CA GLY A 480 -15.20 3.57 -12.73
C GLY A 480 -16.15 3.24 -13.88
N ALA A 481 -16.39 4.24 -14.72
CA ALA A 481 -17.43 4.30 -15.76
C ALA A 481 -16.79 4.20 -17.16
N GLY A 482 -17.64 3.94 -18.17
CA GLY A 482 -17.30 4.04 -19.60
C GLY A 482 -16.34 2.95 -20.03
N TRP A 483 -16.35 1.78 -19.36
CA TRP A 483 -15.48 0.65 -19.80
C TRP A 483 -16.06 0.02 -21.07
N SER A 484 -15.29 -0.04 -22.14
CA SER A 484 -15.65 -0.82 -23.34
C SER A 484 -15.55 -2.33 -23.03
N LEU A 485 -16.08 -3.21 -23.90
CA LEU A 485 -15.89 -4.67 -23.76
C LEU A 485 -14.39 -5.01 -23.85
N ARG A 486 -13.67 -4.38 -24.79
CA ARG A 486 -12.23 -4.59 -24.96
C ARG A 486 -11.50 -4.21 -23.67
N GLU A 487 -11.78 -3.04 -23.08
CA GLU A 487 -11.08 -2.62 -21.84
C GLU A 487 -11.39 -3.59 -20.69
N THR A 488 -12.64 -4.01 -20.56
CA THR A 488 -13.07 -4.99 -19.52
C THR A 488 -12.29 -6.28 -19.73
N ALA A 489 -12.19 -6.76 -20.98
CA ALA A 489 -11.44 -7.98 -21.30
C ALA A 489 -9.95 -7.84 -20.89
N CYS A 490 -9.34 -6.69 -21.17
CA CYS A 490 -7.88 -6.50 -20.92
C CYS A 490 -7.64 -6.44 -19.39
N LEU A 491 -8.57 -5.90 -18.62
CA LEU A 491 -8.49 -5.96 -17.14
C LEU A 491 -8.62 -7.41 -16.64
N GLY A 492 -9.50 -8.21 -17.22
CA GLY A 492 -9.59 -9.62 -16.84
C GLY A 492 -8.29 -10.34 -17.13
N LYS A 493 -7.67 -10.02 -18.26
CA LYS A 493 -6.38 -10.60 -18.68
C LYS A 493 -5.29 -10.22 -17.67
N SER A 494 -5.26 -8.98 -17.16
CA SER A 494 -4.30 -8.55 -16.11
C SER A 494 -4.47 -9.47 -14.88
N TYR A 495 -5.70 -9.69 -14.41
CA TYR A 495 -5.93 -10.58 -13.22
C TYR A 495 -5.42 -11.98 -13.54
N ALA A 496 -5.76 -12.49 -14.74
CA ALA A 496 -5.41 -13.86 -15.15
C ALA A 496 -3.89 -14.03 -15.16
N GLN A 497 -3.16 -13.09 -15.75
CA GLN A 497 -1.67 -13.18 -15.82
C GLN A 497 -1.07 -13.01 -14.39
N MET A 498 -1.66 -12.16 -13.53
CA MET A 498 -1.19 -12.12 -12.13
C MET A 498 -1.34 -13.51 -11.51
N TRP A 499 -2.49 -14.14 -11.68
CA TRP A 499 -2.72 -15.48 -11.10
C TRP A 499 -1.68 -16.51 -11.62
N SER A 500 -1.38 -16.48 -12.93
N SER A 500 -1.37 -16.48 -12.93
CA SER A 500 -0.41 -17.41 -13.55
CA SER A 500 -0.40 -17.43 -13.54
C SER A 500 0.97 -17.21 -12.91
C SER A 500 0.98 -17.21 -12.94
N LEU A 501 1.32 -15.97 -12.56
CA LEU A 501 2.66 -15.66 -12.03
C LEU A 501 2.77 -15.84 -10.50
N MET A 502 1.76 -15.47 -9.74
CA MET A 502 1.83 -15.43 -8.25
C MET A 502 1.09 -16.63 -7.64
N TYR A 503 -0.01 -17.11 -8.26
CA TYR A 503 -0.95 -18.07 -7.61
C TYR A 503 -1.13 -19.32 -8.48
N PHE A 504 -0.12 -19.66 -9.29
CA PHE A 504 -0.08 -20.84 -10.22
C PHE A 504 -0.30 -22.13 -9.44
N HIS A 505 0.02 -22.11 -8.14
CA HIS A 505 -0.01 -23.26 -7.20
C HIS A 505 -1.42 -23.57 -6.70
N ARG A 506 -2.40 -22.72 -7.02
CA ARG A 506 -3.84 -22.91 -6.67
C ARG A 506 -4.52 -23.50 -7.91
N ARG A 507 -4.99 -24.76 -7.85
CA ARG A 507 -5.60 -25.48 -8.99
C ARG A 507 -6.66 -24.60 -9.71
N ASP A 508 -7.57 -23.98 -8.97
CA ASP A 508 -8.71 -23.27 -9.58
C ASP A 508 -8.22 -22.03 -10.33
N LEU A 509 -7.18 -21.36 -9.82
CA LEU A 509 -6.74 -20.08 -10.40
C LEU A 509 -5.87 -20.40 -11.63
N ARG A 510 -5.09 -21.48 -11.64
CA ARG A 510 -4.28 -21.77 -12.86
C ARG A 510 -5.25 -22.09 -14.00
N LEU A 511 -6.33 -22.84 -13.69
CA LEU A 511 -7.36 -23.22 -14.68
C LEU A 511 -8.10 -21.97 -15.14
N ALA A 512 -8.57 -21.14 -14.24
CA ALA A 512 -9.35 -19.93 -14.59
C ALA A 512 -8.46 -18.94 -15.37
N ALA A 513 -7.19 -18.81 -15.00
CA ALA A 513 -6.20 -17.93 -15.68
C ALA A 513 -6.04 -18.40 -17.13
N ASN A 514 -5.84 -19.69 -17.33
CA ASN A 514 -5.72 -20.29 -18.69
C ASN A 514 -7.01 -20.03 -19.48
N ALA A 515 -8.18 -20.20 -18.85
CA ALA A 515 -9.47 -19.96 -19.52
C ALA A 515 -9.59 -18.49 -19.94
N ILE A 516 -9.31 -17.54 -19.06
CA ILE A 516 -9.41 -16.09 -19.38
C ILE A 516 -8.42 -15.76 -20.51
N CYS A 517 -7.16 -16.20 -20.43
CA CYS A 517 -6.15 -15.92 -21.49
C CYS A 517 -6.57 -16.57 -22.81
N SER A 518 -7.39 -17.64 -22.78
CA SER A 518 -7.88 -18.30 -24.01
C SER A 518 -9.07 -17.52 -24.56
N ALA A 519 -9.81 -16.82 -23.70
CA ALA A 519 -11.09 -16.17 -24.06
C ALA A 519 -10.86 -14.75 -24.58
N VAL A 520 -9.72 -14.15 -24.25
CA VAL A 520 -9.34 -12.77 -24.62
C VAL A 520 -8.36 -12.86 -25.79
N PRO A 521 -8.51 -12.00 -26.83
CA PRO A 521 -7.62 -12.05 -27.99
C PRO A 521 -6.15 -12.05 -27.52
N SER A 522 -5.36 -12.95 -28.10
N SER A 522 -5.36 -12.94 -28.13
CA SER A 522 -3.95 -13.25 -27.71
CA SER A 522 -3.96 -13.26 -27.77
C SER A 522 -3.11 -11.96 -27.65
C SER A 522 -3.09 -12.00 -27.68
N HIS A 523 -3.28 -11.04 -28.60
CA HIS A 523 -2.43 -9.82 -28.71
C HIS A 523 -2.96 -8.62 -27.93
N TRP A 524 -4.15 -8.69 -27.32
CA TRP A 524 -4.68 -7.55 -26.54
C TRP A 524 -3.87 -7.39 -25.25
N VAL A 525 -3.55 -6.15 -24.94
CA VAL A 525 -2.58 -5.74 -23.90
C VAL A 525 -3.31 -5.64 -22.56
N PRO A 526 -2.84 -6.33 -21.53
CA PRO A 526 -3.43 -6.18 -20.19
C PRO A 526 -3.42 -4.71 -19.70
N THR A 527 -4.47 -4.27 -19.02
CA THR A 527 -4.60 -2.88 -18.48
C THR A 527 -5.05 -2.90 -17.02
N SER A 528 -4.87 -1.73 -16.39
CA SER A 528 -5.33 -1.35 -15.03
C SER A 528 -5.49 0.18 -15.02
N ARG A 529 -6.16 0.75 -14.00
CA ARG A 529 -6.36 2.24 -13.88
C ARG A 529 -5.66 2.79 -12.63
N THR A 530 -5.19 1.95 -11.71
CA THR A 530 -4.21 2.33 -10.64
C THR A 530 -3.21 1.18 -10.46
N THR A 531 -1.95 1.40 -10.87
CA THR A 531 -0.91 0.35 -11.05
C THR A 531 -0.22 0.09 -9.70
N THR A 537 6.24 -5.24 -7.70
CA THR A 537 6.56 -5.16 -9.16
C THR A 537 5.55 -6.00 -9.95
N HIS A 538 4.95 -5.41 -10.98
CA HIS A 538 3.81 -5.98 -11.75
C HIS A 538 4.34 -6.59 -13.06
N GLU A 539 5.10 -7.67 -12.92
CA GLU A 539 5.68 -8.44 -14.05
C GLU A 539 4.59 -9.08 -14.93
N TRP A 540 3.33 -9.17 -14.48
CA TRP A 540 2.24 -9.77 -15.28
C TRP A 540 1.69 -8.77 -16.30
N MET A 541 2.14 -7.51 -16.25
CA MET A 541 1.60 -6.45 -17.15
C MET A 541 2.47 -6.44 -18.42
N THR A 542 2.22 -7.38 -19.33
CA THR A 542 3.08 -7.65 -20.51
C THR A 542 2.32 -8.54 -21.48
N THR A 543 2.70 -8.53 -22.76
CA THR A 543 2.18 -9.45 -23.79
C THR A 543 3.19 -10.59 -24.03
N GLU A 544 4.31 -10.57 -23.32
CA GLU A 544 5.29 -11.69 -23.37
C GLU A 544 4.60 -12.98 -22.92
N ASP A 545 5.05 -14.12 -23.41
CA ASP A 545 4.46 -15.44 -23.05
C ASP A 545 4.69 -15.65 -21.54
N MET A 546 3.67 -16.12 -20.80
CA MET A 546 3.70 -16.16 -19.31
C MET A 546 4.67 -17.23 -18.82
N LEU A 547 4.94 -18.30 -19.57
CA LEU A 547 5.97 -19.28 -19.14
C LEU A 547 7.34 -18.62 -19.15
N THR A 548 7.65 -17.76 -20.14
CA THR A 548 8.96 -17.05 -20.21
C THR A 548 9.10 -16.10 -19.01
N VAL A 549 8.05 -15.35 -18.71
CA VAL A 549 8.01 -14.44 -17.54
C VAL A 549 8.17 -15.27 -16.25
N TRP A 550 7.52 -16.43 -16.16
CA TRP A 550 7.59 -17.30 -14.95
C TRP A 550 9.07 -17.67 -14.73
N ASN A 551 9.74 -18.13 -15.79
CA ASN A 551 11.17 -18.52 -15.73
C ASN A 551 12.00 -17.33 -15.28
N ARG A 552 11.72 -16.12 -15.77
CA ARG A 552 12.57 -14.96 -15.44
C ARG A 552 12.44 -14.65 -13.94
N VAL A 553 11.22 -14.67 -13.42
CA VAL A 553 10.89 -14.20 -12.05
C VAL A 553 11.29 -15.26 -11.01
N TRP A 554 10.96 -16.53 -11.25
CA TRP A 554 11.06 -17.60 -10.22
C TRP A 554 12.41 -18.31 -10.32
N ILE A 555 13.11 -18.25 -11.47
CA ILE A 555 14.38 -18.99 -11.68
C ILE A 555 15.50 -17.98 -11.92
N GLN A 556 15.52 -17.32 -13.09
CA GLN A 556 16.71 -16.55 -13.57
C GLN A 556 17.06 -15.45 -12.56
N GLU A 557 16.10 -14.61 -12.19
CA GLU A 557 16.32 -13.39 -11.35
C GLU A 557 16.14 -13.70 -9.85
N ASN A 558 15.83 -14.94 -9.48
CA ASN A 558 15.48 -15.32 -8.07
C ASN A 558 16.78 -15.55 -7.31
N PRO A 559 17.22 -14.67 -6.41
CA PRO A 559 18.49 -14.87 -5.71
C PRO A 559 18.48 -16.06 -4.74
N TRP A 560 17.32 -16.62 -4.41
CA TRP A 560 17.27 -17.80 -3.50
C TRP A 560 17.37 -19.13 -4.28
N MET A 561 17.45 -19.10 -5.62
CA MET A 561 17.47 -20.31 -6.49
C MET A 561 18.90 -20.44 -7.07
N GLU A 562 19.70 -21.37 -6.58
CA GLU A 562 21.11 -21.54 -7.07
C GLU A 562 21.09 -22.14 -8.49
N ASP A 563 20.32 -23.19 -8.74
CA ASP A 563 20.24 -23.89 -10.05
C ASP A 563 19.33 -23.12 -11.01
N LYS A 564 19.87 -22.62 -12.12
CA LYS A 564 19.16 -21.70 -13.04
C LYS A 564 18.60 -22.46 -14.25
N THR A 565 18.44 -23.78 -14.16
CA THR A 565 17.88 -24.58 -15.28
C THR A 565 16.46 -24.12 -15.57
N PRO A 566 16.14 -23.64 -16.81
CA PRO A 566 14.80 -23.16 -17.11
C PRO A 566 13.78 -24.30 -17.03
N VAL A 567 12.54 -23.96 -16.75
CA VAL A 567 11.39 -24.90 -16.80
C VAL A 567 10.89 -24.84 -18.25
N GLU A 568 10.59 -26.00 -18.85
CA GLU A 568 10.28 -26.11 -20.31
C GLU A 568 8.77 -26.13 -20.51
N SER A 569 7.98 -26.43 -19.47
CA SER A 569 6.49 -26.47 -19.57
C SER A 569 5.83 -26.20 -18.21
N TRP A 570 4.56 -25.79 -18.27
CA TRP A 570 3.75 -25.51 -17.07
C TRP A 570 3.62 -26.79 -16.22
N GLU A 571 3.68 -27.98 -16.80
CA GLU A 571 3.52 -29.23 -16.02
C GLU A 571 4.69 -29.45 -15.07
N GLU A 572 5.87 -28.86 -15.30
CA GLU A 572 6.98 -28.91 -14.32
C GLU A 572 6.66 -28.06 -13.07
N ILE A 573 5.64 -27.21 -13.13
CA ILE A 573 5.42 -26.16 -12.08
C ILE A 573 4.38 -26.74 -11.12
N PRO A 574 4.72 -26.93 -9.83
CA PRO A 574 3.87 -27.65 -8.90
C PRO A 574 2.66 -26.85 -8.37
N TYR A 575 1.72 -27.57 -7.78
CA TYR A 575 0.59 -27.07 -6.99
C TYR A 575 0.86 -27.34 -5.49
N LEU A 576 0.14 -26.63 -4.61
CA LEU A 576 -0.04 -27.02 -3.20
C LEU A 576 -0.59 -28.45 -3.17
N GLY A 577 -0.40 -29.14 -2.04
CA GLY A 577 -1.14 -30.37 -1.74
C GLY A 577 -2.63 -30.13 -1.95
N LYS A 578 -3.38 -31.13 -2.39
CA LYS A 578 -4.83 -30.98 -2.62
C LYS A 578 -5.53 -30.55 -1.32
N ARG A 579 -5.16 -31.06 -0.16
CA ARG A 579 -5.87 -30.69 1.09
C ARG A 579 -5.51 -29.25 1.47
N GLU A 580 -4.25 -28.87 1.32
CA GLU A 580 -3.80 -27.47 1.57
C GLU A 580 -4.55 -26.50 0.63
N ASP A 581 -4.82 -26.90 -0.61
CA ASP A 581 -5.51 -26.05 -1.62
C ASP A 581 -6.95 -25.84 -1.15
N GLN A 582 -7.59 -26.91 -0.65
CA GLN A 582 -8.96 -26.81 -0.06
C GLN A 582 -8.94 -25.92 1.19
N TRP A 583 -7.99 -26.10 2.10
CA TRP A 583 -7.83 -25.25 3.31
C TRP A 583 -7.80 -23.76 2.92
N CYS A 584 -7.14 -23.43 1.80
CA CYS A 584 -7.01 -22.02 1.37
C CYS A 584 -8.12 -21.62 0.39
N GLY A 585 -9.21 -22.39 0.31
CA GLY A 585 -10.48 -22.01 -0.32
C GLY A 585 -10.75 -22.70 -1.65
N SER A 586 -9.90 -23.61 -2.14
CA SER A 586 -10.18 -24.33 -3.42
C SER A 586 -11.55 -25.00 -3.39
N LEU A 587 -12.22 -25.04 -4.54
CA LEU A 587 -13.49 -25.78 -4.75
C LEU A 587 -13.18 -27.18 -5.30
N ILE A 588 -11.90 -27.58 -5.43
CA ILE A 588 -11.56 -28.95 -5.91
C ILE A 588 -12.34 -29.98 -5.05
N GLY A 589 -13.02 -30.93 -5.69
CA GLY A 589 -13.80 -31.97 -4.99
C GLY A 589 -15.28 -31.69 -5.05
N LEU A 590 -15.72 -30.46 -5.35
CA LEU A 590 -17.16 -30.13 -5.51
C LEU A 590 -17.61 -30.47 -6.94
N THR A 591 -18.88 -30.88 -7.05
CA THR A 591 -19.60 -31.16 -8.30
C THR A 591 -19.64 -29.91 -9.18
N SER A 592 -19.98 -28.74 -8.63
CA SER A 592 -19.97 -27.45 -9.38
C SER A 592 -18.60 -27.24 -10.06
N ARG A 593 -17.51 -27.52 -9.37
CA ARG A 593 -16.14 -27.25 -9.86
C ARG A 593 -15.80 -28.27 -10.95
N ALA A 594 -16.17 -29.53 -10.76
CA ALA A 594 -15.91 -30.61 -11.75
C ALA A 594 -16.60 -30.30 -13.08
N THR A 595 -17.85 -29.84 -13.04
CA THR A 595 -18.62 -29.52 -14.27
C THR A 595 -18.00 -28.33 -14.99
N TRP A 596 -17.64 -27.30 -14.22
CA TRP A 596 -16.93 -26.11 -14.74
C TRP A 596 -15.64 -26.54 -15.47
N ALA A 597 -14.77 -27.30 -14.81
CA ALA A 597 -13.46 -27.72 -15.38
C ALA A 597 -13.67 -28.55 -16.66
N LYS A 598 -14.55 -29.54 -16.58
CA LYS A 598 -14.83 -30.46 -17.73
C LYS A 598 -15.38 -29.69 -18.93
N ASN A 599 -16.29 -28.73 -18.71
CA ASN A 599 -16.99 -27.97 -19.80
C ASN A 599 -16.32 -26.60 -20.06
N ILE A 600 -15.07 -26.41 -19.71
CA ILE A 600 -14.44 -25.03 -19.72
C ILE A 600 -14.41 -24.44 -21.15
N GLN A 601 -14.26 -25.28 -22.18
N GLN A 601 -14.27 -25.29 -22.19
CA GLN A 601 -14.19 -24.79 -23.60
CA GLN A 601 -14.19 -24.83 -23.60
C GLN A 601 -15.54 -24.16 -23.99
C GLN A 601 -15.53 -24.19 -24.00
N THR A 602 -16.64 -24.63 -23.40
CA THR A 602 -17.99 -24.04 -23.64
C THR A 602 -18.08 -22.62 -23.03
N ALA A 603 -17.47 -22.39 -21.87
CA ALA A 603 -17.41 -21.06 -21.23
C ALA A 603 -16.50 -20.15 -22.06
N ILE A 604 -15.32 -20.65 -22.44
CA ILE A 604 -14.35 -19.87 -23.27
C ILE A 604 -15.07 -19.43 -24.55
N ASN A 605 -15.81 -20.34 -25.19
CA ASN A 605 -16.48 -20.08 -26.50
C ASN A 605 -17.61 -19.05 -26.28
N GLN A 606 -18.27 -19.05 -25.11
CA GLN A 606 -19.31 -18.03 -24.80
C GLN A 606 -18.68 -16.65 -24.83
N VAL A 607 -17.54 -16.48 -24.16
CA VAL A 607 -16.87 -15.17 -24.08
C VAL A 607 -16.32 -14.82 -25.48
N ARG A 608 -15.71 -15.76 -26.19
CA ARG A 608 -15.17 -15.48 -27.57
C ARG A 608 -16.31 -14.98 -28.48
N SER A 609 -17.49 -15.58 -28.38
CA SER A 609 -18.67 -15.19 -29.20
C SER A 609 -19.10 -13.76 -28.87
N LEU A 610 -19.01 -13.34 -27.62
CA LEU A 610 -19.40 -11.96 -27.23
C LEU A 610 -18.38 -10.95 -27.78
N ILE A 611 -17.09 -11.24 -27.65
CA ILE A 611 -16.00 -10.31 -28.06
C ILE A 611 -15.99 -10.26 -29.60
N GLY A 612 -16.20 -11.39 -30.27
CA GLY A 612 -16.38 -11.48 -31.73
C GLY A 612 -15.22 -12.20 -32.42
N ASN A 613 -15.07 -11.99 -33.71
CA ASN A 613 -14.14 -12.77 -34.58
C ASN A 613 -12.74 -12.13 -34.51
N GLU A 614 -11.91 -12.62 -33.61
CA GLU A 614 -10.60 -12.05 -33.21
C GLU A 614 -9.62 -13.22 -33.29
N GLU A 615 -8.33 -12.97 -33.14
CA GLU A 615 -7.31 -14.05 -33.04
C GLU A 615 -7.19 -14.47 -31.57
N TYR A 616 -7.48 -15.74 -31.27
CA TYR A 616 -7.39 -16.38 -29.95
C TYR A 616 -6.38 -17.51 -29.98
N THR A 617 -5.75 -17.78 -28.82
CA THR A 617 -4.91 -18.97 -28.54
C THR A 617 -5.61 -19.86 -27.51
N ASP A 618 -5.56 -21.19 -27.70
CA ASP A 618 -6.04 -22.18 -26.69
C ASP A 618 -4.90 -22.49 -25.71
N TYR A 619 -4.94 -21.94 -24.49
CA TYR A 619 -3.91 -22.25 -23.46
C TYR A 619 -4.30 -23.48 -22.61
N MET A 620 -5.49 -24.08 -22.79
CA MET A 620 -5.91 -25.17 -21.87
C MET A 620 -4.98 -26.40 -21.98
N PRO A 621 -4.45 -26.82 -23.16
CA PRO A 621 -3.54 -27.98 -23.24
C PRO A 621 -2.16 -27.83 -22.56
N SER A 622 -1.83 -26.63 -22.06
CA SER A 622 -0.72 -26.38 -21.10
C SER A 622 -0.94 -27.13 -19.76
N MET A 623 -2.17 -27.61 -19.51
CA MET A 623 -2.52 -28.41 -18.31
C MET A 623 -2.64 -29.88 -18.72
N LYS A 624 -2.14 -30.81 -17.90
CA LYS A 624 -2.16 -32.27 -18.17
C LYS A 624 -3.56 -32.75 -18.62
N ARG A 625 -4.62 -32.41 -17.88
CA ARG A 625 -5.98 -32.99 -18.08
C ARG A 625 -6.61 -32.57 -19.43
N PHE A 626 -6.19 -31.45 -20.03
CA PHE A 626 -6.69 -30.98 -21.36
C PHE A 626 -5.68 -31.35 -22.45
N ARG A 627 -4.46 -31.71 -22.07
CA ARG A 627 -3.43 -32.21 -23.02
C ARG A 627 -3.89 -33.60 -23.46
N ARG A 628 -4.91 -33.65 -24.32
CA ARG A 628 -5.71 -34.87 -24.67
C ARG A 628 -6.29 -35.49 -23.40
ZN ZN B . -2.48 -20.69 1.44
ZN ZN C . 0.53 25.48 -0.47
O1 MES D . -20.75 -7.73 -22.30
O1 MES D . -20.61 -7.83 -22.04
C2 MES D . -22.14 -7.96 -22.12
C2 MES D . -21.96 -8.20 -21.82
C3 MES D . -22.48 -8.11 -20.66
C3 MES D . -22.15 -8.83 -20.45
N4 MES D . -21.69 -9.22 -20.05
N4 MES D . -21.27 -10.03 -20.33
C5 MES D . -20.23 -9.02 -20.33
C5 MES D . -19.85 -9.65 -20.64
C6 MES D . -20.00 -8.82 -21.80
C6 MES D . -19.79 -8.99 -21.98
C7 MES D . -21.94 -9.37 -18.59
C7 MES D . -21.38 -10.68 -18.98
C8 MES D . -21.66 -10.76 -18.07
C8 MES D . -21.97 -9.76 -17.92
S MES D . -22.09 -10.96 -16.36
S MES D . -22.47 -10.65 -16.46
O1S MES D . -23.51 -10.97 -16.28
O1S MES D . -22.72 -12.00 -16.89
O2S MES D . -21.46 -12.22 -16.00
O2S MES D . -21.37 -10.57 -15.54
O3S MES D . -21.46 -9.86 -15.67
O3S MES D . -23.65 -9.99 -15.99
S DMS E . -1.75 -18.35 -20.08
O DMS E . -0.64 -19.45 -20.11
C1 DMS E . -0.98 -16.87 -20.59
C2 DMS E . -1.89 -17.97 -18.34
S DMS F . 1.74 -31.23 -12.18
O DMS F . 2.32 -29.85 -11.98
C1 DMS F . 0.62 -31.11 -13.56
C2 DMS F . 0.53 -31.48 -10.91
S DMS G . -4.29 -5.97 -11.43
O DMS G . -3.06 -5.54 -12.17
C1 DMS G . -3.79 -6.04 -9.72
C2 DMS G . -4.41 -7.69 -11.67
P PO4 H . 0.40 -7.59 10.32
O1 PO4 H . -0.58 -8.64 11.15
O2 PO4 H . 1.33 -6.66 11.36
O3 PO4 H . 1.35 -8.40 9.33
O4 PO4 H . -0.47 -6.69 9.52
C1 PEG I . -15.84 -20.67 5.23
O1 PEG I . -16.51 -20.87 6.46
C2 PEG I . -16.68 -21.06 4.05
O2 PEG I . -16.82 -22.47 4.00
C3 PEG I . -16.01 -23.07 2.99
C4 PEG I . -16.14 -24.56 3.05
O4 PEG I . -15.79 -25.19 1.83
P PO4 J . 14.58 22.57 10.80
O1 PO4 J . 13.06 22.37 10.59
O2 PO4 J . 14.94 22.21 12.25
O3 PO4 J . 15.38 21.69 9.81
O4 PO4 J . 14.97 24.06 10.56
C1 PEG K . 18.77 -11.97 -0.43
O1 PEG K . 18.92 -11.33 -1.69
C2 PEG K . 19.86 -12.95 -0.17
O2 PEG K . 19.70 -14.09 -1.01
C3 PEG K . 20.82 -14.99 -0.99
C4 PEG K . 20.50 -16.18 -0.15
O4 PEG K . 20.74 -17.40 -0.85
C4 A1BDG L . 6.56 -6.16 -1.98
C5 A1BDG L . 4.20 -6.70 -2.80
C6 A1BDG L . 2.94 -6.08 -2.23
C7 A1BDG L . 3.22 -5.11 -1.10
N A1BDG L . 4.99 -4.31 -2.59
C A1BDG L . 4.47 -2.98 -0.58
O A1BDG L . 5.89 -3.00 -0.61
C1 A1BDG L . 3.92 -3.88 -1.67
C2 A1BDG L . 6.55 -4.09 -4.82
C3 A1BDG L . 5.39 -5.72 -2.84
O1 A1BDG L . 6.06 -2.17 -3.16
O2 A1BDG L . 4.21 -3.02 -4.54
S A1BDG L . 5.40 -3.27 -3.80
C4 A1BDG M . 22.49 7.08 -4.86
C5 A1BDG M . 23.31 6.67 -7.23
C6 A1BDG M . 22.90 6.13 -8.60
C7 A1BDG M . 22.14 4.81 -8.57
N A1BDG M . 21.11 5.81 -6.52
C A1BDG M . 22.38 3.67 -6.31
O A1BDG M . 21.87 3.67 -4.98
C1 A1BDG M . 21.50 4.54 -7.21
C2 A1BDG M . 19.16 6.63 -8.24
C3 A1BDG M . 22.11 6.89 -6.32
O1 A1BDG M . 18.78 5.06 -6.22
O2 A1BDG M . 19.37 7.40 -5.78
S A1BDG M . 19.52 6.23 -6.58
#